data_4C9C
#
_entry.id   4C9C
#
_cell.length_a   70.020
_cell.length_b   74.420
_cell.length_c   84.040
_cell.angle_alpha   90.00
_cell.angle_beta   90.00
_cell.angle_gamma   90.00
#
_symmetry.space_group_name_H-M   'P 21 21 21'
#
loop_
_entity.id
_entity.type
_entity.pdbx_description
1 polymer 'MAJOR STRAWBERRY ALLERGEN FRA A 1-E'
2 non-polymer 'SULFATE ION'
3 non-polymer GLYCEROL
4 water water
#
_entity_poly.entity_id   1
_entity_poly.type   'polypeptide(L)'
_entity_poly.pdbx_seq_one_letter_code
;AMAGVYTYENEFTSDIPAPKLFKAFVLDADNLIPKIAPQAVKCAEILEGDGGPGTIKKITFGEGSHYGYVKHKIHSIDKV
NHTYSYSLIEGDALSENIEKIDYETKLVSAPHGGTIIKTTSKYHTKGDVEIKEEHVKAGKEKAAHLFKLIEGYLKDHPSE
YN
;
_entity_poly.pdbx_strand_id   A,B
#
# COMPACT_ATOMS: atom_id res chain seq x y z
N ALA A 1 0.59 37.83 -16.81
CA ALA A 1 1.34 36.69 -17.47
C ALA A 1 2.45 35.94 -16.62
N MET A 2 2.83 36.49 -15.45
CA MET A 2 3.86 35.88 -14.57
C MET A 2 3.38 34.54 -14.00
N ALA A 3 4.09 33.47 -14.24
CA ALA A 3 3.66 32.17 -13.72
C ALA A 3 4.47 31.81 -12.48
N GLY A 4 3.81 31.31 -11.45
CA GLY A 4 4.49 31.01 -10.18
C GLY A 4 3.66 29.98 -9.46
N VAL A 5 4.08 29.64 -8.23
CA VAL A 5 3.47 28.62 -7.43
C VAL A 5 3.45 29.06 -6.02
N TYR A 6 2.26 29.13 -5.44
CA TYR A 6 2.20 29.37 -4.01
C TYR A 6 1.96 28.04 -3.35
N THR A 7 2.77 27.72 -2.37
CA THR A 7 2.70 26.47 -1.61
C THR A 7 2.33 26.72 -0.19
N TYR A 8 1.32 26.01 0.27
CA TYR A 8 0.86 26.08 1.63
C TYR A 8 0.81 24.69 2.22
N GLU A 9 1.35 24.50 3.42
CA GLU A 9 1.29 23.19 4.06
C GLU A 9 0.39 23.17 5.27
N ASN A 10 -0.32 22.08 5.51
CA ASN A 10 -0.97 21.86 6.81
C ASN A 10 -1.05 20.39 7.23
N GLU A 11 -1.30 20.18 8.51
CA GLU A 11 -1.16 18.90 9.20
C GLU A 11 -2.30 18.82 10.18
N PHE A 12 -2.90 17.65 10.34
CA PHE A 12 -3.83 17.40 11.47
C PHE A 12 -3.60 15.95 11.89
N THR A 13 -4.12 15.60 13.07
CA THR A 13 -3.91 14.28 13.61
C THR A 13 -5.23 13.48 13.66
N SER A 14 -5.13 12.16 13.85
CA SER A 14 -6.26 11.25 14.03
C SER A 14 -5.77 10.12 14.91
N ASP A 15 -6.68 9.49 15.64
CA ASP A 15 -6.45 8.22 16.37
C ASP A 15 -6.61 6.99 15.48
N ILE A 16 -7.25 7.15 14.32
CA ILE A 16 -7.41 6.09 13.36
C ILE A 16 -6.05 5.70 12.75
N PRO A 17 -5.70 4.44 12.83
CA PRO A 17 -4.50 3.99 12.15
C PRO A 17 -4.41 4.36 10.59
N ALA A 18 -3.18 4.59 10.18
CA ALA A 18 -2.91 5.08 8.88
C ALA A 18 -3.43 4.18 7.74
N PRO A 19 -3.21 2.87 7.85
CA PRO A 19 -3.70 2.02 6.78
C PRO A 19 -5.20 2.10 6.54
N LYS A 20 -5.97 2.06 7.62
CA LYS A 20 -7.41 2.10 7.54
C LYS A 20 -7.82 3.45 7.02
N LEU A 21 -7.17 4.46 7.53
CA LEU A 21 -7.53 5.80 7.04
C LEU A 21 -7.23 5.92 5.55
N PHE A 22 -6.08 5.36 5.11
CA PHE A 22 -5.76 5.38 3.72
C PHE A 22 -6.80 4.69 2.90
N LYS A 23 -7.25 3.50 3.33
CA LYS A 23 -8.22 2.76 2.54
C LYS A 23 -9.57 3.47 2.44
N ALA A 24 -9.96 4.13 3.51
CA ALA A 24 -11.28 4.76 3.60
C ALA A 24 -11.32 6.15 2.96
N PHE A 25 -10.58 7.07 3.54
CA PHE A 25 -10.40 8.46 3.07
C PHE A 25 -9.86 8.48 1.63
N VAL A 26 -8.80 7.72 1.32
CA VAL A 26 -8.16 7.90 0.03
C VAL A 26 -8.71 6.96 -1.03
N LEU A 27 -8.60 5.68 -0.82
CA LEU A 27 -8.95 4.79 -1.86
C LEU A 27 -10.47 4.63 -2.09
N ASP A 28 -11.31 4.95 -1.11
CA ASP A 28 -12.74 4.63 -1.26
C ASP A 28 -13.58 5.89 -1.08
N ALA A 29 -12.95 7.03 -1.32
CA ALA A 29 -13.59 8.34 -1.17
C ALA A 29 -14.86 8.52 -2.09
N ASP A 30 -14.80 8.01 -3.31
CA ASP A 30 -15.98 7.94 -4.22
C ASP A 30 -17.17 7.26 -3.55
N ASN A 31 -16.92 6.27 -2.71
CA ASN A 31 -18.00 5.55 -2.10
C ASN A 31 -18.30 6.01 -0.69
N LEU A 32 -17.29 6.32 0.10
CA LEU A 32 -17.53 6.63 1.49
C LEU A 32 -18.16 7.99 1.68
N ILE A 33 -17.67 8.99 0.95
CA ILE A 33 -18.11 10.38 1.29
C ILE A 33 -19.61 10.65 1.01
N PRO A 34 -20.13 10.19 -0.14
CA PRO A 34 -21.56 10.25 -0.37
C PRO A 34 -22.36 9.72 0.78
N LYS A 35 -21.84 8.70 1.47
CA LYS A 35 -22.60 8.07 2.55
C LYS A 35 -22.79 8.96 3.75
N ILE A 36 -21.74 9.68 4.12
CA ILE A 36 -21.71 10.43 5.36
C ILE A 36 -21.94 11.92 5.21
N ALA A 37 -21.89 12.38 3.96
CA ALA A 37 -22.09 13.81 3.68
C ALA A 37 -22.58 13.97 2.25
N PRO A 38 -23.86 13.65 2.04
CA PRO A 38 -24.45 13.66 0.71
C PRO A 38 -24.40 15.03 0.03
N GLN A 39 -24.12 16.08 0.81
CA GLN A 39 -23.96 17.42 0.24
C GLN A 39 -22.54 17.66 -0.26
N ALA A 40 -21.55 17.26 0.51
CA ALA A 40 -20.16 17.37 0.04
C ALA A 40 -19.91 16.60 -1.27
N VAL A 41 -20.46 15.41 -1.43
CA VAL A 41 -20.33 14.66 -2.67
C VAL A 41 -21.64 13.93 -2.89
N LYS A 42 -22.40 14.35 -3.91
CA LYS A 42 -23.51 13.57 -4.45
C LYS A 42 -22.97 12.41 -5.30
N CYS A 43 -22.03 12.70 -6.20
CA CYS A 43 -21.63 11.73 -7.19
C CYS A 43 -20.17 11.93 -7.68
N ALA A 44 -19.41 10.85 -7.80
CA ALA A 44 -18.12 10.86 -8.46
C ALA A 44 -18.11 9.92 -9.65
N GLU A 45 -17.67 10.39 -10.80
CA GLU A 45 -17.60 9.57 -12.02
C GLU A 45 -16.21 9.63 -12.61
N ILE A 46 -15.66 8.47 -12.97
CA ILE A 46 -14.37 8.43 -13.66
C ILE A 46 -14.57 8.67 -15.16
N LEU A 47 -13.94 9.71 -15.73
CA LEU A 47 -14.07 10.06 -17.13
C LEU A 47 -12.99 9.43 -17.99
N GLU A 48 -11.79 9.24 -17.47
CA GLU A 48 -10.79 8.44 -18.18
C GLU A 48 -9.89 7.79 -17.19
N GLY A 49 -9.21 6.77 -17.66
CA GLY A 49 -8.17 6.16 -16.90
C GLY A 49 -8.72 5.03 -16.10
N ASP A 50 -7.79 4.31 -15.50
CA ASP A 50 -8.02 3.11 -14.68
C ASP A 50 -8.61 3.44 -13.30
N GLY A 51 -8.10 4.52 -12.70
CA GLY A 51 -8.28 4.82 -11.27
C GLY A 51 -6.94 5.15 -10.61
N GLY A 52 -5.84 4.92 -11.36
CA GLY A 52 -4.48 5.33 -10.97
C GLY A 52 -4.00 6.53 -11.78
N PRO A 53 -2.68 6.75 -11.84
CA PRO A 53 -2.12 7.95 -12.44
C PRO A 53 -2.76 8.34 -13.77
N GLY A 54 -3.10 9.61 -13.95
CA GLY A 54 -3.72 10.06 -15.21
C GLY A 54 -5.24 10.08 -15.20
N THR A 55 -5.85 9.32 -14.29
CA THR A 55 -7.29 9.27 -14.16
C THR A 55 -7.91 10.66 -14.01
N ILE A 56 -9.03 10.86 -14.68
CA ILE A 56 -9.78 12.07 -14.56
C ILE A 56 -11.10 11.75 -13.97
N LYS A 57 -11.48 12.49 -12.93
CA LYS A 57 -12.75 12.30 -12.23
C LYS A 57 -13.61 13.55 -12.22
N LYS A 58 -14.92 13.41 -12.31
CA LYS A 58 -15.86 14.53 -12.20
C LYS A 58 -16.58 14.32 -10.92
N ILE A 59 -16.62 15.34 -10.08
CA ILE A 59 -17.24 15.19 -8.80
C ILE A 59 -18.35 16.22 -8.73
N THR A 60 -19.55 15.75 -8.48
CA THR A 60 -20.75 16.58 -8.47
C THR A 60 -21.18 16.77 -7.03
N PHE A 61 -21.56 17.97 -6.64
CA PHE A 61 -21.95 18.13 -5.21
C PHE A 61 -23.18 18.97 -4.92
N GLY A 62 -23.94 18.54 -3.90
CA GLY A 62 -25.31 19.04 -3.58
C GLY A 62 -25.58 20.54 -3.61
N TYR A 67 -24.83 23.96 -5.45
CA TYR A 67 -24.71 22.97 -6.53
C TYR A 67 -23.65 23.34 -7.61
N GLY A 68 -23.01 22.31 -8.19
CA GLY A 68 -21.82 22.43 -9.09
C GLY A 68 -20.95 21.15 -9.13
N TYR A 69 -19.78 21.25 -9.76
CA TYR A 69 -18.89 20.12 -9.88
C TYR A 69 -17.42 20.57 -10.08
N VAL A 70 -16.49 19.66 -9.82
CA VAL A 70 -15.07 19.83 -10.13
C VAL A 70 -14.57 18.62 -10.88
N LYS A 71 -13.44 18.80 -11.55
CA LYS A 71 -12.68 17.70 -12.10
C LYS A 71 -11.32 17.64 -11.40
N HIS A 72 -10.91 16.40 -11.08
CA HIS A 72 -9.66 16.06 -10.49
C HIS A 72 -8.88 15.21 -11.44
N LYS A 73 -7.60 15.48 -11.56
CA LYS A 73 -6.67 14.58 -12.25
C LYS A 73 -5.71 13.95 -11.21
N ILE A 74 -5.78 12.63 -11.08
CA ILE A 74 -4.86 11.88 -10.20
C ILE A 74 -3.46 11.88 -10.75
N HIS A 75 -2.46 12.23 -9.93
CA HIS A 75 -1.07 12.19 -10.38
C HIS A 75 -0.37 10.97 -9.87
N SER A 76 -0.50 10.63 -8.61
CA SER A 76 0.12 9.41 -8.12
C SER A 76 -0.64 8.85 -6.90
N ILE A 77 -0.55 7.54 -6.72
CA ILE A 77 -1.06 6.84 -5.56
C ILE A 77 0.04 5.86 -5.10
N ASP A 78 0.64 6.09 -3.94
CA ASP A 78 1.63 5.15 -3.43
C ASP A 78 1.01 4.43 -2.24
N LYS A 79 0.41 3.26 -2.49
CA LYS A 79 -0.32 2.55 -1.49
C LYS A 79 0.55 2.07 -0.36
N VAL A 80 1.78 1.76 -0.67
CA VAL A 80 2.66 1.18 0.29
C VAL A 80 3.13 2.27 1.23
N ASN A 81 3.47 3.44 0.69
CA ASN A 81 3.88 4.57 1.53
C ASN A 81 2.72 5.37 2.10
N HIS A 82 1.48 5.10 1.70
CA HIS A 82 0.30 5.85 2.09
C HIS A 82 0.34 7.36 1.68
N THR A 83 0.65 7.64 0.43
CA THR A 83 0.68 9.00 -0.10
C THR A 83 -0.16 8.99 -1.37
N TYR A 84 -0.66 10.16 -1.71
CA TYR A 84 -1.63 10.39 -2.77
C TYR A 84 -1.40 11.81 -3.28
N SER A 85 -1.49 12.08 -4.57
CA SER A 85 -1.53 13.39 -5.11
C SER A 85 -2.40 13.45 -6.37
N TYR A 86 -3.00 14.61 -6.57
CA TYR A 86 -4.03 14.90 -7.54
C TYR A 86 -4.13 16.40 -7.68
N SER A 87 -4.60 16.89 -8.81
CA SER A 87 -4.83 18.31 -9.03
C SER A 87 -6.33 18.60 -9.30
N LEU A 88 -6.82 19.66 -8.72
CA LEU A 88 -8.05 20.38 -9.15
C LEU A 88 -7.76 21.02 -10.45
N ILE A 89 -8.31 20.46 -11.55
CA ILE A 89 -8.12 21.07 -12.89
C ILE A 89 -9.36 21.76 -13.48
N GLU A 90 -10.52 21.59 -12.88
CA GLU A 90 -11.70 22.41 -13.25
C GLU A 90 -12.59 22.65 -12.05
N GLY A 91 -13.09 23.87 -11.87
CA GLY A 91 -13.96 24.17 -10.79
C GLY A 91 -13.88 25.62 -10.35
N ASP A 92 -14.65 25.99 -9.33
CA ASP A 92 -14.87 27.41 -9.05
C ASP A 92 -13.70 28.06 -8.29
N ALA A 93 -12.82 27.26 -7.68
CA ALA A 93 -11.64 27.81 -7.01
C ALA A 93 -10.56 28.24 -8.06
N LEU A 94 -10.75 27.81 -9.30
CA LEU A 94 -9.89 28.22 -10.38
C LEU A 94 -10.37 29.54 -11.01
N SER A 95 -9.51 30.14 -11.84
CA SER A 95 -9.76 31.45 -12.45
C SER A 95 -8.65 31.72 -13.47
N GLU A 96 -8.61 32.93 -14.04
CA GLU A 96 -7.44 33.35 -14.87
C GLU A 96 -6.21 33.54 -13.98
N ASN A 97 -6.42 33.83 -12.70
CA ASN A 97 -5.32 34.04 -11.73
C ASN A 97 -4.81 32.75 -11.10
N ILE A 98 -5.69 31.79 -10.82
CA ILE A 98 -5.30 30.45 -10.35
C ILE A 98 -5.68 29.37 -11.37
N GLU A 99 -4.76 28.93 -12.17
CA GLU A 99 -5.09 27.99 -13.20
C GLU A 99 -5.28 26.58 -12.76
N LYS A 100 -4.63 26.19 -11.70
CA LYS A 100 -4.85 24.87 -11.15
C LYS A 100 -4.28 24.75 -9.80
N ILE A 101 -4.73 23.78 -9.03
CA ILE A 101 -4.22 23.56 -7.69
C ILE A 101 -3.82 22.07 -7.55
N ASP A 102 -2.60 21.80 -7.13
CA ASP A 102 -2.10 20.44 -6.82
C ASP A 102 -2.16 20.18 -5.34
N TYR A 103 -2.62 18.99 -4.95
CA TYR A 103 -2.69 18.56 -3.59
C TYR A 103 -1.77 17.33 -3.43
N GLU A 104 -1.07 17.27 -2.32
CA GLU A 104 -0.33 16.07 -2.01
C GLU A 104 -0.54 15.78 -0.56
N THR A 105 -1.00 14.57 -0.27
CA THR A 105 -1.34 14.18 1.08
C THR A 105 -0.53 13.00 1.48
N LYS A 106 0.05 13.02 2.71
CA LYS A 106 0.84 11.90 3.21
C LYS A 106 0.28 11.52 4.55
N LEU A 107 0.09 10.23 4.78
CA LEU A 107 -0.39 9.73 6.05
C LEU A 107 0.73 9.11 6.75
N VAL A 108 1.17 9.72 7.84
CA VAL A 108 2.31 9.20 8.57
C VAL A 108 1.87 8.56 9.88
N SER A 109 2.54 7.48 10.28
CA SER A 109 2.18 6.77 11.52
C SER A 109 2.69 7.48 12.72
N ALA A 110 1.79 7.79 13.64
CA ALA A 110 2.18 8.50 14.84
C ALA A 110 2.69 7.51 15.90
N PRO A 111 3.56 7.98 16.81
CA PRO A 111 3.99 7.20 17.97
C PRO A 111 2.95 6.21 18.54
N HIS A 112 1.76 6.66 18.90
CA HIS A 112 0.87 5.74 19.66
C HIS A 112 -0.23 5.04 18.83
N GLY A 113 0.00 4.92 17.53
CA GLY A 113 -0.85 4.09 16.68
C GLY A 113 -1.91 4.84 15.88
N GLY A 114 -1.91 6.17 15.99
CA GLY A 114 -2.77 7.04 15.18
C GLY A 114 -2.01 7.54 13.93
N THR A 115 -2.44 8.68 13.37
CA THR A 115 -1.92 9.21 12.15
C THR A 115 -1.72 10.70 12.18
N ILE A 116 -0.69 11.16 11.47
CA ILE A 116 -0.51 12.57 11.15
C ILE A 116 -0.71 12.70 9.63
N ILE A 117 -1.74 13.44 9.26
CA ILE A 117 -2.06 13.69 7.91
C ILE A 117 -1.39 14.97 7.51
N LYS A 118 -0.48 14.92 6.52
CA LYS A 118 0.19 16.13 6.07
C LYS A 118 -0.21 16.44 4.63
N THR A 119 -0.76 17.64 4.40
CA THR A 119 -1.20 18.11 3.09
C THR A 119 -0.39 19.32 2.61
N THR A 120 0.01 19.27 1.36
CA THR A 120 0.68 20.38 0.69
C THR A 120 -0.32 20.77 -0.39
N SER A 121 -0.68 22.04 -0.42
CA SER A 121 -1.39 22.63 -1.55
C SER A 121 -0.50 23.52 -2.38
N LYS A 122 -0.46 23.31 -3.71
CA LYS A 122 0.32 24.17 -4.57
C LYS A 122 -0.60 24.86 -5.60
N TYR A 123 -0.80 26.16 -5.46
CA TYR A 123 -1.60 26.95 -6.38
C TYR A 123 -0.75 27.42 -7.56
N HIS A 124 -1.04 27.01 -8.79
CA HIS A 124 -0.32 27.52 -9.93
C HIS A 124 -0.96 28.85 -10.33
N THR A 125 -0.21 29.94 -10.24
CA THR A 125 -0.72 31.29 -10.37
C THR A 125 -0.31 31.87 -11.74
N LYS A 126 -0.99 32.94 -12.13
CA LYS A 126 -0.69 33.69 -13.37
C LYS A 126 -0.94 35.14 -12.99
N GLY A 127 0.00 36.04 -13.29
CA GLY A 127 -0.11 37.44 -12.88
C GLY A 127 0.07 37.73 -11.40
N ASP A 128 -0.48 38.84 -10.96
CA ASP A 128 -0.37 39.23 -9.57
C ASP A 128 -0.91 38.09 -8.75
N VAL A 129 -0.39 37.90 -7.56
CA VAL A 129 -0.92 36.86 -6.73
C VAL A 129 -1.75 37.45 -5.65
N GLU A 130 -3.01 37.01 -5.56
CA GLU A 130 -3.81 37.37 -4.39
C GLU A 130 -4.46 36.14 -3.75
N ILE A 131 -4.09 35.81 -2.52
CA ILE A 131 -4.64 34.64 -1.90
C ILE A 131 -4.97 34.98 -0.50
N LYS A 132 -6.25 35.03 -0.19
CA LYS A 132 -6.65 35.45 1.17
C LYS A 132 -6.49 34.41 2.26
N GLU A 133 -5.85 34.77 3.36
CA GLU A 133 -5.83 33.95 4.54
C GLU A 133 -7.20 33.35 4.88
N GLU A 134 -8.28 34.12 4.63
CA GLU A 134 -9.62 33.75 5.10
C GLU A 134 -10.17 32.63 4.25
N HIS A 135 -9.90 32.66 2.94
CA HIS A 135 -10.30 31.59 2.05
C HIS A 135 -9.52 30.30 2.28
N VAL A 136 -8.24 30.43 2.64
CA VAL A 136 -7.43 29.26 2.98
C VAL A 136 -7.97 28.63 4.26
N LYS A 137 -8.23 29.45 5.26
CA LYS A 137 -8.74 28.96 6.52
C LYS A 137 -10.16 28.36 6.38
N ALA A 138 -11.05 28.97 5.59
CA ALA A 138 -12.40 28.44 5.37
C ALA A 138 -12.32 27.05 4.73
N GLY A 139 -11.34 26.87 3.83
CA GLY A 139 -11.04 25.58 3.22
C GLY A 139 -10.58 24.52 4.23
N LYS A 140 -9.70 24.89 5.14
CA LYS A 140 -9.26 23.94 6.17
C LYS A 140 -10.36 23.54 7.17
N GLU A 141 -11.17 24.51 7.57
CA GLU A 141 -12.27 24.25 8.54
C GLU A 141 -13.38 23.40 7.86
N LYS A 142 -13.58 23.56 6.56
CA LYS A 142 -14.54 22.71 5.84
C LYS A 142 -14.01 21.29 5.80
N ALA A 143 -12.73 21.16 5.47
CA ALA A 143 -12.18 19.85 5.31
C ALA A 143 -12.18 19.12 6.65
N ALA A 144 -11.86 19.86 7.73
CA ALA A 144 -11.78 19.31 9.07
C ALA A 144 -13.13 18.82 9.59
N HIS A 145 -14.21 19.48 9.15
CA HIS A 145 -15.53 19.08 9.57
C HIS A 145 -15.78 17.73 8.93
N LEU A 146 -15.39 17.60 7.68
CA LEU A 146 -15.72 16.42 6.93
C LEU A 146 -14.81 15.22 7.34
N PHE A 147 -13.58 15.56 7.66
CA PHE A 147 -12.70 14.59 8.22
C PHE A 147 -13.21 14.01 9.57
N LYS A 148 -13.83 14.84 10.37
CA LYS A 148 -14.32 14.43 11.68
C LYS A 148 -15.49 13.45 11.50
N LEU A 149 -16.29 13.69 10.48
CA LEU A 149 -17.33 12.77 10.06
C LEU A 149 -16.80 11.42 9.57
N ILE A 150 -15.80 11.41 8.70
CA ILE A 150 -15.14 10.15 8.34
C ILE A 150 -14.64 9.39 9.59
N GLU A 151 -13.99 10.07 10.52
CA GLU A 151 -13.49 9.40 11.69
C GLU A 151 -14.65 8.74 12.49
N GLY A 152 -15.72 9.48 12.62
CA GLY A 152 -16.94 9.03 13.29
C GLY A 152 -17.53 7.78 12.64
N TYR A 153 -17.58 7.78 11.30
CA TYR A 153 -18.03 6.61 10.57
C TYR A 153 -17.12 5.41 10.84
N LEU A 154 -15.81 5.61 10.89
CA LEU A 154 -14.91 4.47 11.01
C LEU A 154 -15.02 3.86 12.41
N LYS A 155 -15.21 4.74 13.40
CA LYS A 155 -15.42 4.28 14.75
C LYS A 155 -16.80 3.58 14.89
N ASP A 156 -17.83 4.07 14.21
CA ASP A 156 -19.15 3.41 14.20
C ASP A 156 -19.25 2.04 13.37
N HIS A 157 -18.24 1.74 12.53
CA HIS A 157 -18.22 0.50 11.76
C HIS A 157 -16.85 -0.06 11.83
N PRO A 158 -16.51 -0.66 12.95
CA PRO A 158 -15.14 -1.08 13.11
C PRO A 158 -14.73 -2.26 12.25
N SER A 159 -15.66 -3.01 11.69
CA SER A 159 -15.30 -4.12 10.82
C SER A 159 -14.99 -3.66 9.42
N GLU A 160 -15.10 -2.37 9.10
CA GLU A 160 -14.77 -1.87 7.73
C GLU A 160 -13.30 -1.42 7.59
N TYR A 161 -12.71 -1.61 6.40
CA TYR A 161 -11.43 -0.99 6.05
C TYR A 161 -10.30 -1.48 6.90
N ASN A 162 -10.39 -2.71 7.37
CA ASN A 162 -9.25 -3.32 8.06
C ASN A 162 -8.34 -4.03 7.04
N ALA B 1 -8.57 -40.68 1.85
CA ALA B 1 -7.38 -40.35 2.72
C ALA B 1 -7.62 -38.98 3.44
N MET B 2 -7.25 -38.89 4.71
CA MET B 2 -7.63 -37.69 5.45
C MET B 2 -6.86 -36.45 4.91
N ALA B 3 -7.62 -35.38 4.69
CA ALA B 3 -7.09 -34.04 4.48
C ALA B 3 -7.04 -33.22 5.78
N GLY B 4 -5.96 -32.49 6.01
CA GLY B 4 -5.84 -31.59 7.17
C GLY B 4 -4.83 -30.48 6.91
N VAL B 5 -4.55 -29.66 7.93
CA VAL B 5 -3.68 -28.47 7.80
C VAL B 5 -2.82 -28.37 9.05
N TYR B 6 -1.52 -28.34 8.87
CA TYR B 6 -0.58 -28.05 9.90
C TYR B 6 -0.13 -26.61 9.73
N THR B 7 -0.34 -25.82 10.79
CA THR B 7 -0.02 -24.41 10.80
C THR B 7 1.15 -24.13 11.69
N TYR B 8 2.15 -23.42 11.19
CA TYR B 8 3.36 -23.09 11.91
C TYR B 8 3.61 -21.59 11.79
N GLU B 9 4.02 -20.93 12.86
CA GLU B 9 4.22 -19.49 12.82
C GLU B 9 5.62 -19.10 13.20
N ASN B 10 6.19 -18.14 12.51
CA ASN B 10 7.48 -17.66 12.92
C ASN B 10 7.65 -16.20 12.53
N GLU B 11 8.59 -15.55 13.21
CA GLU B 11 8.80 -14.13 13.05
C GLU B 11 10.21 -13.79 13.27
N PHE B 12 10.62 -12.73 12.58
CA PHE B 12 11.92 -12.15 12.81
C PHE B 12 11.86 -10.65 12.58
N THR B 13 12.97 -9.97 12.85
CA THR B 13 12.95 -8.55 12.95
C THR B 13 13.95 -7.92 12.06
N SER B 14 13.70 -6.66 11.73
CA SER B 14 14.65 -5.94 10.87
C SER B 14 14.67 -4.50 11.29
N ASP B 15 15.81 -3.87 11.07
CA ASP B 15 15.94 -2.41 11.22
CA ASP B 15 15.85 -2.41 11.28
C ASP B 15 15.40 -1.58 10.03
N ILE B 16 15.20 -2.21 8.87
CA ILE B 16 14.63 -1.49 7.71
C ILE B 16 13.17 -1.15 7.94
N PRO B 17 12.74 0.08 7.66
CA PRO B 17 11.32 0.32 7.83
C PRO B 17 10.45 -0.58 6.92
N ALA B 18 9.22 -0.81 7.33
CA ALA B 18 8.29 -1.71 6.65
C ALA B 18 7.88 -1.32 5.25
N PRO B 19 7.50 -0.06 5.04
CA PRO B 19 7.23 0.33 3.67
C PRO B 19 8.33 -0.06 2.63
N LYS B 20 9.58 0.19 2.96
CA LYS B 20 10.71 0.00 2.05
C LYS B 20 10.97 -1.50 1.87
N LEU B 21 10.89 -2.22 2.97
CA LEU B 21 11.08 -3.66 2.96
C LEU B 21 9.97 -4.31 2.15
N PHE B 22 8.73 -3.82 2.26
CA PHE B 22 7.65 -4.32 1.40
C PHE B 22 7.91 -4.06 -0.11
N LYS B 23 8.34 -2.86 -0.45
CA LYS B 23 8.67 -2.62 -1.88
C LYS B 23 9.78 -3.47 -2.39
N ALA B 24 10.81 -3.72 -1.59
CA ALA B 24 11.98 -4.46 -2.04
C ALA B 24 11.77 -5.97 -1.95
N PHE B 25 11.65 -6.46 -0.72
CA PHE B 25 11.49 -7.89 -0.39
C PHE B 25 10.23 -8.46 -1.09
N VAL B 26 9.12 -7.74 -1.09
CA VAL B 26 7.86 -8.35 -1.52
C VAL B 26 7.49 -8.03 -2.96
N LEU B 27 7.38 -6.77 -3.32
CA LEU B 27 6.99 -6.40 -4.65
C LEU B 27 8.10 -6.48 -5.73
N ASP B 28 9.36 -6.34 -5.35
CA ASP B 28 10.44 -6.35 -6.39
C ASP B 28 11.30 -7.57 -6.29
N ALA B 29 10.78 -8.58 -5.61
CA ALA B 29 11.51 -9.83 -5.39
C ALA B 29 12.17 -10.39 -6.66
N ASP B 30 11.35 -10.56 -7.69
CA ASP B 30 11.79 -11.09 -8.98
C ASP B 30 13.03 -10.39 -9.55
N ASN B 31 13.11 -9.06 -9.41
CA ASN B 31 14.24 -8.29 -9.96
C ASN B 31 15.40 -8.23 -8.96
N LEU B 32 15.12 -8.09 -7.68
CA LEU B 32 16.18 -7.81 -6.73
C LEU B 32 16.97 -9.04 -6.30
N ILE B 33 16.30 -10.19 -6.17
CA ILE B 33 16.97 -11.37 -5.59
C ILE B 33 18.01 -11.88 -6.58
N PRO B 34 17.60 -12.15 -7.83
CA PRO B 34 18.58 -12.48 -8.87
C PRO B 34 19.87 -11.67 -8.74
N LYS B 35 19.70 -10.36 -8.68
CA LYS B 35 20.80 -9.42 -8.52
C LYS B 35 21.57 -9.53 -7.19
N ILE B 36 20.91 -9.74 -6.06
CA ILE B 36 21.62 -9.82 -4.76
C ILE B 36 22.24 -11.21 -4.56
N ALA B 37 21.66 -12.23 -5.20
CA ALA B 37 22.15 -13.63 -5.10
C ALA B 37 21.85 -14.41 -6.37
N PRO B 38 22.65 -14.27 -7.45
CA PRO B 38 22.30 -14.94 -8.75
C PRO B 38 22.44 -16.47 -8.73
N GLN B 39 23.44 -16.95 -8.01
CA GLN B 39 23.58 -18.38 -7.69
C GLN B 39 22.32 -18.93 -7.00
N ALA B 40 21.65 -18.12 -6.18
CA ALA B 40 20.41 -18.58 -5.50
C ALA B 40 19.19 -18.67 -6.41
N VAL B 41 18.96 -17.66 -7.26
CA VAL B 41 17.80 -17.63 -8.15
C VAL B 41 18.22 -17.13 -9.51
N LYS B 42 17.80 -17.84 -10.56
CA LYS B 42 18.17 -17.52 -11.92
C LYS B 42 17.04 -16.71 -12.52
N CYS B 43 16.02 -17.41 -12.99
CA CYS B 43 14.97 -16.85 -13.81
C CYS B 43 13.63 -16.87 -13.03
N ALA B 44 12.87 -15.77 -13.05
CA ALA B 44 11.50 -15.78 -12.55
C ALA B 44 10.53 -15.56 -13.68
N GLU B 45 9.61 -16.49 -13.90
CA GLU B 45 8.67 -16.41 -15.04
C GLU B 45 7.27 -16.42 -14.59
N ILE B 46 6.47 -15.55 -15.15
CA ILE B 46 5.06 -15.62 -14.92
C ILE B 46 4.56 -16.55 -15.97
N LEU B 47 3.76 -17.53 -15.60
CA LEU B 47 3.17 -18.44 -16.54
C LEU B 47 1.76 -18.00 -16.84
N GLU B 48 1.13 -17.34 -15.89
CA GLU B 48 -0.30 -17.11 -16.03
C GLU B 48 -0.63 -15.88 -15.17
N GLY B 49 -1.57 -15.05 -15.62
CA GLY B 49 -1.99 -13.84 -14.88
C GLY B 49 -1.01 -12.71 -14.96
N ASP B 50 -1.29 -11.63 -14.24
CA ASP B 50 -0.56 -10.34 -14.44
C ASP B 50 0.58 -10.09 -13.46
N GLY B 51 0.42 -10.60 -12.24
CA GLY B 51 1.28 -10.25 -11.10
C GLY B 51 0.50 -10.04 -9.80
N GLY B 52 -0.83 -10.16 -9.86
CA GLY B 52 -1.75 -10.13 -8.71
C GLY B 52 -2.40 -11.49 -8.41
N PRO B 53 -3.51 -11.50 -7.64
CA PRO B 53 -4.18 -12.73 -7.28
C PRO B 53 -4.36 -13.64 -8.46
N GLY B 54 -4.24 -14.95 -8.23
CA GLY B 54 -4.32 -15.96 -9.29
C GLY B 54 -3.07 -16.18 -10.14
N THR B 55 -2.13 -15.23 -10.14
CA THR B 55 -0.86 -15.39 -10.81
C THR B 55 -0.06 -16.69 -10.41
N ILE B 56 0.38 -17.40 -11.45
CA ILE B 56 1.34 -18.48 -11.35
C ILE B 56 2.70 -18.07 -11.81
N LYS B 57 3.68 -18.25 -10.93
CA LYS B 57 5.05 -18.05 -11.33
C LYS B 57 6.01 -19.19 -11.09
N LYS B 58 6.99 -19.28 -11.92
CA LYS B 58 7.89 -20.38 -11.82
C LYS B 58 9.21 -19.75 -11.56
N ILE B 59 9.94 -20.27 -10.58
CA ILE B 59 11.23 -19.78 -10.24
C ILE B 59 12.26 -20.87 -10.39
N THR B 60 13.29 -20.63 -11.17
CA THR B 60 14.31 -21.60 -11.39
C THR B 60 15.53 -21.17 -10.62
N PHE B 61 16.30 -22.11 -10.08
CA PHE B 61 17.55 -21.76 -9.44
C PHE B 61 18.70 -22.67 -9.81
N GLY B 62 19.93 -22.31 -9.45
CA GLY B 62 21.09 -23.16 -9.77
C GLY B 62 22.15 -23.23 -8.70
N GLY B 68 16.92 -26.95 -9.84
CA GLY B 68 15.52 -27.17 -9.43
C GLY B 68 14.63 -25.97 -9.73
N TYR B 69 13.32 -26.09 -9.47
CA TYR B 69 12.41 -24.94 -9.59
C TYR B 69 11.30 -25.11 -8.59
N VAL B 70 10.60 -24.02 -8.30
CA VAL B 70 9.34 -24.00 -7.54
C VAL B 70 8.31 -23.26 -8.33
N LYS B 71 7.03 -23.55 -8.11
CA LYS B 71 5.96 -22.77 -8.65
C LYS B 71 5.15 -22.19 -7.52
N HIS B 72 4.80 -20.92 -7.62
CA HIS B 72 3.99 -20.22 -6.61
C HIS B 72 2.74 -19.72 -7.22
N LYS B 73 1.64 -19.84 -6.52
CA LYS B 73 0.47 -19.16 -6.86
C LYS B 73 0.20 -18.01 -5.86
N ILE B 74 0.10 -16.78 -6.35
CA ILE B 74 -0.20 -15.60 -5.52
C ILE B 74 -1.64 -15.55 -5.22
N HIS B 75 -2.00 -15.37 -3.96
CA HIS B 75 -3.38 -15.22 -3.53
C HIS B 75 -3.80 -13.80 -3.28
N SER B 76 -3.02 -13.02 -2.55
CA SER B 76 -3.40 -11.67 -2.21
C SER B 76 -2.16 -10.90 -1.98
N ILE B 77 -2.22 -9.63 -2.28
CA ILE B 77 -1.17 -8.68 -2.03
C ILE B 77 -1.88 -7.42 -1.51
N ASP B 78 -1.79 -7.14 -0.20
CA ASP B 78 -2.40 -5.93 0.35
C ASP B 78 -1.29 -4.91 0.57
N LYS B 79 -1.08 -4.06 -0.41
CA LYS B 79 -0.03 -3.07 -0.35
C LYS B 79 -0.22 -2.03 0.77
N VAL B 80 -1.46 -1.72 1.14
CA VAL B 80 -1.67 -0.70 2.12
C VAL B 80 -1.31 -1.23 3.51
N ASN B 81 -1.77 -2.46 3.82
CA ASN B 81 -1.54 -3.11 5.11
C ASN B 81 -0.17 -3.78 5.17
N HIS B 82 0.53 -3.88 4.04
CA HIS B 82 1.80 -4.52 3.89
C HIS B 82 1.73 -6.00 4.25
N THR B 83 0.81 -6.71 3.63
CA THR B 83 0.64 -8.14 3.76
C THR B 83 0.64 -8.79 2.37
N TYR B 84 1.09 -10.01 2.31
CA TYR B 84 0.86 -10.83 1.14
C TYR B 84 0.78 -12.32 1.43
N SER B 85 0.20 -13.03 0.50
CA SER B 85 0.16 -14.45 0.58
C SER B 85 0.15 -15.15 -0.78
N TYR B 86 0.63 -16.37 -0.71
CA TYR B 86 0.90 -17.19 -1.83
C TYR B 86 1.05 -18.63 -1.38
N SER B 87 0.98 -19.57 -2.33
CA SER B 87 1.19 -20.98 -2.11
C SER B 87 2.26 -21.55 -3.01
N LEU B 88 3.04 -22.46 -2.45
CA LEU B 88 4.02 -23.26 -3.13
C LEU B 88 3.17 -24.39 -3.65
N ILE B 89 3.08 -24.52 -4.97
CA ILE B 89 2.24 -25.56 -5.56
C ILE B 89 3.03 -26.61 -6.35
N GLU B 90 4.30 -26.34 -6.67
CA GLU B 90 5.26 -27.36 -7.12
C GLU B 90 6.60 -27.04 -6.51
N GLY B 91 7.27 -28.09 -6.01
CA GLY B 91 8.65 -28.05 -5.51
C GLY B 91 9.10 -29.15 -4.53
N ASP B 92 10.40 -29.20 -4.28
CA ASP B 92 11.09 -30.12 -3.36
C ASP B 92 10.47 -30.19 -1.95
N ALA B 93 9.94 -29.06 -1.44
CA ALA B 93 9.32 -29.08 -0.11
C ALA B 93 8.04 -29.87 -0.09
N LEU B 94 7.44 -30.07 -1.27
CA LEU B 94 6.21 -30.84 -1.35
C LEU B 94 6.50 -32.37 -1.29
N SER B 95 5.48 -33.20 -1.01
CA SER B 95 5.63 -34.68 -1.01
C SER B 95 4.30 -35.39 -1.27
N GLU B 96 4.31 -36.72 -1.22
CA GLU B 96 3.08 -37.50 -1.29
C GLU B 96 2.13 -37.04 -0.17
N ASN B 97 2.70 -36.76 1.00
CA ASN B 97 1.87 -36.41 2.11
C ASN B 97 1.62 -34.89 2.25
N ILE B 98 2.25 -34.07 1.37
CA ILE B 98 2.03 -32.63 1.41
C ILE B 98 1.73 -32.11 0.06
N GLU B 99 0.51 -31.68 -0.20
CA GLU B 99 0.21 -31.37 -1.55
C GLU B 99 0.43 -29.87 -1.89
N LYS B 100 0.48 -29.01 -0.88
CA LYS B 100 0.50 -27.58 -1.08
C LYS B 100 0.93 -26.88 0.23
N ILE B 101 1.69 -25.81 0.19
CA ILE B 101 1.95 -25.01 1.41
C ILE B 101 1.47 -23.54 1.21
N ASP B 102 0.60 -22.99 2.07
CA ASP B 102 0.22 -21.57 1.93
C ASP B 102 1.07 -20.74 2.87
N TYR B 103 1.54 -19.60 2.43
CA TYR B 103 2.31 -18.68 3.25
C TYR B 103 1.55 -17.37 3.32
N GLU B 104 1.52 -16.74 4.49
CA GLU B 104 0.94 -15.44 4.67
C GLU B 104 1.96 -14.68 5.53
N THR B 105 2.46 -13.62 4.93
CA THR B 105 3.44 -12.76 5.54
C THR B 105 2.94 -11.35 5.78
N LYS B 106 3.23 -10.84 6.98
CA LYS B 106 2.80 -9.54 7.46
C LYS B 106 4.00 -8.80 7.92
N LEU B 107 4.16 -7.58 7.43
CA LEU B 107 5.26 -6.73 7.82
C LEU B 107 4.68 -5.71 8.74
N VAL B 108 4.97 -5.81 10.05
CA VAL B 108 4.48 -4.93 11.09
C VAL B 108 5.52 -3.88 11.51
N SER B 109 5.15 -2.62 11.71
CA SER B 109 6.11 -1.60 12.14
C SER B 109 6.47 -1.82 13.60
N ALA B 110 7.75 -1.92 13.91
CA ALA B 110 8.20 -2.15 15.27
C ALA B 110 8.13 -0.82 16.07
N PRO B 111 7.83 -0.87 17.40
CA PRO B 111 7.76 0.36 18.23
C PRO B 111 8.91 1.37 18.02
N HIS B 112 10.13 0.92 17.71
CA HIS B 112 11.28 1.84 17.64
C HIS B 112 11.89 1.99 16.25
N GLY B 113 11.02 1.93 15.25
CA GLY B 113 11.44 1.91 13.85
C GLY B 113 11.77 0.49 13.45
N GLY B 114 11.82 0.25 12.15
CA GLY B 114 12.11 -1.10 11.69
C GLY B 114 10.85 -1.98 11.76
N THR B 115 11.06 -3.28 11.60
CA THR B 115 9.94 -4.18 11.17
C THR B 115 9.99 -5.51 11.88
N ILE B 116 8.82 -6.04 12.21
CA ILE B 116 8.70 -7.42 12.62
C ILE B 116 8.05 -8.09 11.41
N ILE B 117 8.70 -9.10 10.86
CA ILE B 117 8.14 -9.89 9.77
C ILE B 117 7.50 -11.16 10.31
N LYS B 118 6.20 -11.29 10.19
CA LYS B 118 5.52 -12.47 10.69
C LYS B 118 4.96 -13.37 9.59
N THR B 119 5.36 -14.62 9.59
CA THR B 119 4.88 -15.60 8.62
C THR B 119 4.07 -16.72 9.27
N THR B 120 2.96 -17.06 8.65
CA THR B 120 2.16 -18.27 8.89
C THR B 120 2.38 -19.21 7.68
N SER B 121 2.83 -20.44 7.96
CA SER B 121 2.94 -21.52 6.99
C SER B 121 1.84 -22.57 7.23
N LYS B 122 1.00 -22.84 6.22
CA LYS B 122 -0.05 -23.86 6.37
C LYS B 122 0.23 -24.98 5.37
N TYR B 123 0.60 -26.12 5.89
CA TYR B 123 0.87 -27.33 5.13
C TYR B 123 -0.41 -28.09 5.00
N HIS B 124 -0.87 -28.27 3.76
CA HIS B 124 -2.08 -29.06 3.50
C HIS B 124 -1.67 -30.51 3.35
N THR B 125 -2.08 -31.34 4.30
CA THR B 125 -1.55 -32.71 4.42
C THR B 125 -2.55 -33.66 3.79
N LYS B 126 -2.09 -34.87 3.50
CA LYS B 126 -2.93 -35.90 2.86
C LYS B 126 -2.44 -37.25 3.44
N GLY B 127 -3.34 -38.00 4.06
CA GLY B 127 -2.94 -39.20 4.80
C GLY B 127 -2.28 -38.94 6.13
N ASP B 128 -1.40 -39.82 6.53
CA ASP B 128 -0.61 -39.63 7.73
C ASP B 128 0.14 -38.29 7.66
N VAL B 129 0.16 -37.62 8.79
CA VAL B 129 0.79 -36.34 8.86
C VAL B 129 2.15 -36.71 9.28
N GLU B 130 3.14 -36.33 8.48
CA GLU B 130 4.51 -36.41 8.91
C GLU B 130 5.14 -35.12 8.45
N ILE B 131 5.44 -34.27 9.43
CA ILE B 131 6.17 -33.04 9.19
C ILE B 131 7.30 -33.03 10.12
N LYS B 132 8.50 -32.88 9.58
CA LYS B 132 9.69 -32.89 10.43
C LYS B 132 10.17 -31.48 10.63
N GLU B 133 10.60 -31.21 11.86
CA GLU B 133 11.22 -29.97 12.27
C GLU B 133 12.42 -29.53 11.43
N GLU B 134 13.12 -30.51 10.87
CA GLU B 134 14.27 -30.30 10.01
C GLU B 134 13.86 -29.61 8.68
N HIS B 135 12.78 -30.07 8.05
CA HIS B 135 12.25 -29.44 6.84
C HIS B 135 11.88 -27.99 7.11
N VAL B 136 11.13 -27.78 8.18
CA VAL B 136 10.70 -26.45 8.57
C VAL B 136 11.91 -25.56 8.86
N LYS B 137 12.82 -26.05 9.69
CA LYS B 137 14.04 -25.30 10.05
C LYS B 137 14.93 -24.99 8.84
N ALA B 138 14.97 -25.85 7.83
CA ALA B 138 15.81 -25.52 6.68
C ALA B 138 15.11 -24.45 5.85
N GLY B 139 13.79 -24.58 5.66
CA GLY B 139 12.97 -23.54 5.00
C GLY B 139 13.28 -22.13 5.52
N LYS B 140 13.38 -22.03 6.85
CA LYS B 140 13.73 -20.80 7.57
C LYS B 140 15.20 -20.32 7.53
N GLU B 141 16.16 -21.24 7.55
CA GLU B 141 17.58 -20.82 7.55
C GLU B 141 17.88 -20.25 6.18
N LYS B 142 17.19 -20.77 5.18
CA LYS B 142 17.28 -20.31 3.80
C LYS B 142 16.76 -18.88 3.62
N ALA B 143 15.55 -18.62 4.08
CA ALA B 143 14.94 -17.32 3.97
C ALA B 143 15.72 -16.25 4.76
N ALA B 144 16.44 -16.68 5.79
CA ALA B 144 17.10 -15.72 6.71
C ALA B 144 18.45 -15.31 6.17
N HIS B 145 19.12 -16.23 5.51
CA HIS B 145 20.38 -15.91 4.92
C HIS B 145 20.13 -14.90 3.80
N LEU B 146 19.11 -15.19 2.99
CA LEU B 146 18.67 -14.37 1.87
C LEU B 146 18.18 -12.99 2.27
N PHE B 147 17.54 -12.95 3.41
CA PHE B 147 16.99 -11.72 3.89
C PHE B 147 18.10 -10.79 4.36
N LYS B 148 19.17 -11.38 4.87
CA LYS B 148 20.32 -10.60 5.30
C LYS B 148 21.04 -9.95 4.06
N LEU B 149 20.91 -10.57 2.90
CA LEU B 149 21.50 -10.00 1.71
C LEU B 149 20.66 -8.84 1.24
N ILE B 150 19.33 -8.96 1.39
CA ILE B 150 18.39 -7.95 0.98
C ILE B 150 18.66 -6.72 1.84
N GLU B 151 18.75 -6.93 3.15
CA GLU B 151 19.02 -5.87 4.09
C GLU B 151 20.32 -5.12 3.77
N GLY B 152 21.37 -5.86 3.41
CA GLY B 152 22.70 -5.30 3.08
C GLY B 152 22.60 -4.44 1.82
N TYR B 153 21.93 -4.97 0.78
CA TYR B 153 21.67 -4.21 -0.42
C TYR B 153 20.96 -2.91 -0.14
N LEU B 154 19.84 -2.98 0.58
CA LEU B 154 19.11 -1.79 0.98
C LEU B 154 19.95 -0.75 1.71
N LYS B 155 20.76 -1.18 2.66
CA LYS B 155 21.61 -0.23 3.41
C LYS B 155 22.74 0.33 2.50
N ASP B 156 23.19 -0.47 1.54
CA ASP B 156 24.18 -0.02 0.56
C ASP B 156 23.64 0.98 -0.52
N HIS B 157 22.31 1.03 -0.71
CA HIS B 157 21.65 1.82 -1.73
C HIS B 157 20.48 2.56 -1.14
N PRO B 158 20.79 3.54 -0.24
CA PRO B 158 19.72 4.22 0.51
C PRO B 158 18.77 5.00 -0.37
N SER B 159 19.10 5.29 -1.61
CA SER B 159 18.19 6.05 -2.41
C SER B 159 17.12 5.24 -3.06
N GLU B 160 17.18 3.90 -2.96
CA GLU B 160 16.22 3.03 -3.65
C GLU B 160 15.06 2.62 -2.71
N TYR B 161 13.87 2.31 -3.24
CA TYR B 161 12.74 1.77 -2.50
C TYR B 161 12.20 2.70 -1.40
N ASN B 162 12.44 3.99 -1.55
CA ASN B 162 11.89 4.93 -0.62
C ASN B 162 10.45 5.28 -1.07
#